data_9PMD
#
_entry.id   9PMD
#
_cell.length_a   1.00
_cell.length_b   1.00
_cell.length_c   1.00
_cell.angle_alpha   90.00
_cell.angle_beta   90.00
_cell.angle_gamma   90.00
#
_symmetry.space_group_name_H-M   'P 1'
#
loop_
_entity.id
_entity.type
_entity.pdbx_description
1 polymer 'Organic cation/carnitine transporter 2'
2 non-polymer 'SODIUM ION'
3 water water
#
_entity_poly.entity_id   1
_entity_poly.type   'polypeptide(L)'
_entity_poly.pdbx_seq_one_letter_code
;MRDYDEVTAFLGEWGPFQRLIFFLLSASIIPNGFTGLSSVFLIATPEHRCRVPDAANLSSAWRNHTVPLRLRDGREVPHS
CRRYRLATIANFSALGLEPGRDVDLGQLEQESCLDGWEFSQDVYLSTIVTEWNLVCEDDWKAPLTISLFFVGVLLGSFIS
GQLSDRFGRKNVLFVTMGMQTGFSFLQIFSKNFEMFVVLFVLVGMGQISNYVAAFVLGTEILGKSVRIIFSTLGVCIFYA
FGYMVLPLFAYFIRDWRMLLVALTMPGVLCVALWWFIPESPRWLISQGRFEEAEVIIRKAAKANGIVVPSTIFDPSELQD
LSSKKQQSHNILDLLRTWNIRMVTIMSIMLWMTISVGYFGLSLDTPNLHGDIFVNCFLSAMVEVPAYVLAWLLLQYLPRR
YSMATALFLGGSVLLFMQLVPPDLYYLATVLVMVGKFGVTAAFSMVYVYTAELYPTVVRNMGVGVSSTASRLGSILSPYF
VYLGAYDRFLPYILMGSLTILTAILTLFLPESFGTPLPDTIDQMLRVKGMKHRKTPSHTRMLKDGQERPTILKSTAFGAA
FESRLEVLFQ
;
_entity_poly.pdbx_strand_id   A
#
loop_
_chem_comp.id
_chem_comp.type
_chem_comp.name
_chem_comp.formula
NA non-polymer 'SODIUM ION' 'Na 1'
#
# COMPACT_ATOMS: atom_id res chain seq x y z
N MET A 1 -27.13 27.06 -21.30
CA MET A 1 -25.77 26.66 -20.86
C MET A 1 -25.62 25.14 -20.96
N ARG A 2 -24.63 24.67 -21.72
CA ARG A 2 -24.38 23.25 -21.84
C ARG A 2 -23.35 22.81 -20.79
N ASP A 3 -22.92 21.55 -20.88
CA ASP A 3 -21.91 20.99 -19.99
C ASP A 3 -20.83 20.33 -20.83
N TYR A 4 -19.63 20.23 -20.25
CA TYR A 4 -18.51 19.62 -20.98
C TYR A 4 -18.84 18.20 -21.40
N ASP A 5 -19.41 17.42 -20.49
CA ASP A 5 -19.79 16.04 -20.81
C ASP A 5 -20.78 15.98 -21.95
N GLU A 6 -21.60 17.03 -22.11
CA GLU A 6 -22.59 17.07 -23.17
C GLU A 6 -22.04 17.60 -24.49
N VAL A 7 -21.09 18.54 -24.43
CA VAL A 7 -20.52 19.06 -25.67
C VAL A 7 -19.62 18.04 -26.34
N THR A 8 -18.87 17.27 -25.55
CA THR A 8 -17.95 16.27 -26.07
C THR A 8 -18.59 14.91 -26.26
N ALA A 9 -19.91 14.80 -26.06
CA ALA A 9 -20.58 13.51 -26.20
C ALA A 9 -20.46 12.94 -27.61
N PHE A 10 -20.18 13.78 -28.60
CA PHE A 10 -20.05 13.29 -29.97
C PHE A 10 -18.86 12.35 -30.16
N LEU A 11 -17.91 12.35 -29.21
CA LEU A 11 -16.76 11.44 -29.33
C LEU A 11 -17.16 10.00 -29.03
N GLY A 12 -18.21 9.80 -28.23
CA GLY A 12 -18.62 8.48 -27.82
C GLY A 12 -17.93 8.04 -26.54
N GLU A 13 -18.57 7.09 -25.86
CA GLU A 13 -18.05 6.59 -24.60
C GLU A 13 -16.88 5.62 -24.75
N TRP A 14 -16.80 4.91 -25.88
CA TRP A 14 -15.77 3.90 -26.06
C TRP A 14 -15.26 3.91 -27.50
N GLY A 15 -13.97 3.61 -27.65
CA GLY A 15 -13.35 3.59 -28.95
C GLY A 15 -11.83 3.57 -28.86
N PRO A 16 -11.15 3.68 -30.01
CA PRO A 16 -9.68 3.61 -30.00
C PRO A 16 -9.02 4.63 -29.09
N PHE A 17 -9.59 5.84 -29.01
CA PHE A 17 -9.02 6.87 -28.15
C PHE A 17 -9.24 6.54 -26.68
N GLN A 18 -10.49 6.26 -26.30
CA GLN A 18 -10.76 5.91 -24.91
C GLN A 18 -10.06 4.62 -24.53
N ARG A 19 -10.00 3.65 -25.43
CA ARG A 19 -9.29 2.40 -25.15
C ARG A 19 -7.81 2.64 -24.88
N LEU A 20 -7.19 3.51 -25.68
CA LEU A 20 -5.77 3.78 -25.50
C LEU A 20 -5.52 4.58 -24.22
N ILE A 21 -6.33 5.60 -23.96
CA ILE A 21 -6.16 6.37 -22.73
C ILE A 21 -6.35 5.48 -21.52
N PHE A 22 -7.42 4.67 -21.52
CA PHE A 22 -7.70 3.76 -20.41
C PHE A 22 -6.53 2.83 -20.12
N PHE A 23 -6.04 2.15 -21.15
CA PHE A 23 -5.00 1.15 -20.88
C PHE A 23 -3.60 1.74 -20.73
N LEU A 24 -3.33 2.92 -21.29
CA LEU A 24 -2.03 3.53 -21.05
C LEU A 24 -1.96 4.18 -19.68
N LEU A 25 -3.07 4.73 -19.17
CA LEU A 25 -3.07 5.27 -17.83
C LEU A 25 -3.14 4.17 -16.78
N SER A 26 -3.84 3.07 -17.07
CA SER A 26 -3.89 1.97 -16.11
C SER A 26 -2.54 1.27 -16.00
N ALA A 27 -1.89 1.03 -17.14
CA ALA A 27 -0.58 0.38 -17.14
C ALA A 27 0.48 1.24 -16.44
N SER A 28 0.29 2.56 -16.43
CA SER A 28 1.19 3.43 -15.69
C SER A 28 1.17 3.19 -14.19
N ILE A 29 0.18 2.46 -13.67
CA ILE A 29 0.13 2.17 -12.24
C ILE A 29 0.96 0.96 -11.84
N ILE A 30 1.40 0.15 -12.81
CA ILE A 30 2.18 -1.04 -12.47
C ILE A 30 3.42 -0.69 -11.65
N PRO A 31 4.21 0.33 -11.99
CA PRO A 31 5.33 0.69 -11.12
C PRO A 31 4.92 1.01 -9.69
N ASN A 32 3.73 1.58 -9.48
CA ASN A 32 3.25 1.82 -8.12
C ASN A 32 2.98 0.52 -7.38
N GLY A 33 2.76 -0.58 -8.10
CA GLY A 33 2.38 -1.83 -7.47
C GLY A 33 3.51 -2.52 -6.71
N PHE A 34 4.63 -2.77 -7.38
CA PHE A 34 5.74 -3.45 -6.73
C PHE A 34 6.66 -2.51 -5.96
N THR A 35 6.45 -1.20 -6.05
CA THR A 35 7.29 -0.28 -5.29
C THR A 35 6.84 -0.16 -3.85
N GLY A 36 5.54 -0.06 -3.62
CA GLY A 36 5.04 0.18 -2.28
C GLY A 36 5.37 -0.93 -1.31
N LEU A 37 5.15 -2.18 -1.71
CA LEU A 37 5.36 -3.34 -0.86
C LEU A 37 6.71 -4.01 -1.10
N SER A 38 7.66 -3.32 -1.73
CA SER A 38 8.99 -3.89 -1.89
C SER A 38 9.71 -4.04 -0.56
N SER A 39 9.22 -3.37 0.49
CA SER A 39 9.82 -3.52 1.82
C SER A 39 9.78 -4.94 2.33
N VAL A 40 8.88 -5.77 1.80
CA VAL A 40 8.80 -7.17 2.23
C VAL A 40 10.10 -7.90 1.92
N PHE A 41 10.82 -7.50 0.88
CA PHE A 41 12.07 -8.14 0.50
C PHE A 41 13.30 -7.29 0.75
N LEU A 42 13.18 -5.97 0.63
CA LEU A 42 14.34 -5.10 0.87
C LEU A 42 14.70 -5.06 2.35
N ILE A 43 13.72 -5.19 3.24
CA ILE A 43 13.94 -5.03 4.67
C ILE A 43 13.61 -6.31 5.42
N ALA A 44 13.86 -7.46 4.79
CA ALA A 44 13.63 -8.72 5.45
C ALA A 44 14.77 -9.01 6.43
N THR A 45 14.48 -9.86 7.41
CA THR A 45 15.45 -10.19 8.46
C THR A 45 15.83 -11.66 8.40
N PRO A 46 17.04 -12.00 8.00
CA PRO A 46 17.47 -13.40 8.00
C PRO A 46 17.84 -13.86 9.40
N GLU A 47 18.06 -15.17 9.53
CA GLU A 47 18.52 -15.73 10.79
C GLU A 47 19.91 -15.19 11.11
N HIS A 48 20.17 -14.98 12.39
CA HIS A 48 21.44 -14.40 12.83
C HIS A 48 21.80 -14.92 14.21
N ARG A 49 23.09 -14.82 14.51
CA ARG A 49 23.64 -15.23 15.80
C ARG A 49 24.90 -14.43 16.06
N CYS A 50 25.29 -14.37 17.33
CA CYS A 50 26.46 -13.59 17.71
C CYS A 50 27.67 -14.14 16.95
N ARG A 51 28.46 -13.25 16.35
CA ARG A 51 29.69 -13.67 15.71
C ARG A 51 30.77 -13.99 16.74
N VAL A 52 31.70 -14.85 16.34
CA VAL A 52 32.88 -15.15 17.15
C VAL A 52 34.11 -15.12 16.25
N PRO A 53 35.14 -14.34 16.56
CA PRO A 53 36.32 -14.28 15.67
C PRO A 53 37.02 -15.62 15.57
N ASP A 54 37.88 -15.72 14.55
CA ASP A 54 38.69 -16.91 14.33
C ASP A 54 39.95 -16.94 15.19
N ALA A 55 40.30 -15.83 15.83
CA ALA A 55 41.51 -15.76 16.65
C ALA A 55 41.38 -16.54 17.95
N ALA A 56 40.17 -16.83 18.40
CA ALA A 56 40.00 -17.59 19.64
C ALA A 56 40.40 -19.03 19.43
N ASN A 57 41.22 -19.55 20.35
CA ASN A 57 41.69 -20.93 20.29
C ASN A 57 40.63 -21.83 20.92
N LEU A 58 39.59 -22.12 20.12
CA LEU A 58 38.47 -22.94 20.54
C LEU A 58 38.49 -24.24 19.76
N SER A 59 38.35 -25.36 20.47
CA SER A 59 38.30 -26.67 19.83
C SER A 59 36.94 -26.90 19.21
N SER A 60 36.84 -28.00 18.45
CA SER A 60 35.56 -28.36 17.83
C SER A 60 34.47 -28.54 18.87
N ALA A 61 34.82 -28.95 20.09
CA ALA A 61 33.81 -29.12 21.12
C ALA A 61 33.17 -27.80 21.50
N TRP A 62 33.99 -26.77 21.75
CA TRP A 62 33.44 -25.46 22.11
C TRP A 62 32.91 -24.70 20.90
N ARG A 63 33.47 -24.93 19.71
CA ARG A 63 32.99 -24.23 18.53
C ARG A 63 31.54 -24.55 18.21
N ASN A 64 31.00 -25.63 18.76
CA ASN A 64 29.60 -25.98 18.58
C ASN A 64 28.68 -25.39 19.64
N HIS A 65 29.21 -24.76 20.68
CA HIS A 65 28.41 -24.28 21.81
C HIS A 65 28.84 -22.89 22.24
N THR A 66 29.23 -22.03 21.29
CA THR A 66 29.63 -20.68 21.63
C THR A 66 28.45 -19.74 21.83
N VAL A 67 27.22 -20.21 21.60
CA VAL A 67 26.03 -19.36 21.73
C VAL A 67 24.99 -20.14 22.54
N PRO A 68 24.31 -19.53 23.50
CA PRO A 68 23.30 -20.26 24.27
C PRO A 68 22.10 -20.61 23.40
N LEU A 69 21.38 -21.63 23.82
CA LEU A 69 20.22 -22.14 23.10
C LEU A 69 18.92 -21.62 23.70
N ARG A 70 17.86 -21.67 22.88
CA ARG A 70 16.52 -21.30 23.28
C ARG A 70 15.55 -22.16 22.49
N LEU A 71 14.33 -22.30 23.02
CA LEU A 71 13.30 -23.07 22.34
C LEU A 71 12.48 -22.16 21.44
N ARG A 72 12.10 -22.68 20.28
CA ARG A 72 11.26 -21.95 19.33
C ARG A 72 10.43 -22.96 18.55
N ASP A 73 9.11 -22.84 18.63
CA ASP A 73 8.20 -23.79 17.98
C ASP A 73 8.50 -25.21 18.41
N GLY A 74 8.76 -25.39 19.70
CA GLY A 74 9.08 -26.69 20.26
C GLY A 74 10.54 -27.05 20.10
N ARG A 75 11.11 -26.75 18.94
CA ARG A 75 12.51 -27.04 18.67
C ARG A 75 13.39 -26.01 19.39
N GLU A 76 14.70 -26.26 19.35
CA GLU A 76 15.68 -25.37 19.95
C GLU A 76 16.54 -24.72 18.88
N VAL A 77 16.85 -23.45 19.09
CA VAL A 77 17.66 -22.68 18.14
C VAL A 77 18.65 -21.81 18.91
N PRO A 78 19.74 -21.42 18.27
CA PRO A 78 20.71 -20.55 18.95
C PRO A 78 20.11 -19.20 19.31
N HIS A 79 20.58 -18.64 20.41
CA HIS A 79 20.15 -17.31 20.82
C HIS A 79 20.61 -16.28 19.80
N SER A 80 19.74 -15.34 19.46
CA SER A 80 20.01 -14.37 18.41
C SER A 80 20.64 -13.07 18.90
N CYS A 81 20.79 -12.88 20.22
CA CYS A 81 21.37 -11.65 20.73
C CYS A 81 22.31 -11.85 21.91
N ARG A 82 22.74 -13.08 22.20
CA ARG A 82 23.63 -13.34 23.31
C ARG A 82 24.66 -14.38 22.93
N ARG A 83 25.79 -14.36 23.63
CA ARG A 83 26.84 -15.35 23.46
C ARG A 83 27.57 -15.52 24.79
N TYR A 84 28.10 -16.71 25.01
CA TYR A 84 28.90 -16.94 26.20
C TYR A 84 30.14 -16.06 26.15
N ARG A 85 30.57 -15.57 27.31
CA ARG A 85 31.68 -14.62 27.33
C ARG A 85 32.90 -15.25 26.65
N LEU A 86 33.39 -14.58 25.60
CA LEU A 86 34.47 -15.16 24.82
C LEU A 86 35.74 -15.31 25.65
N ALA A 87 36.05 -14.30 26.47
CA ALA A 87 37.23 -14.41 27.33
C ALA A 87 37.13 -15.62 28.25
N THR A 88 35.99 -15.77 28.93
CA THR A 88 35.80 -16.91 29.83
C THR A 88 35.80 -18.23 29.06
N ILE A 89 35.14 -18.28 27.89
CA ILE A 89 35.07 -19.51 27.13
C ILE A 89 36.47 -19.96 26.72
N ALA A 90 37.27 -19.02 26.21
CA ALA A 90 38.61 -19.35 25.76
C ALA A 90 39.53 -19.67 26.93
N ASN A 91 39.34 -19.02 28.08
CA ASN A 91 40.22 -19.25 29.21
C ASN A 91 40.35 -20.72 29.52
N PHE A 92 39.23 -21.45 29.63
CA PHE A 92 39.31 -22.88 29.91
C PHE A 92 39.22 -23.74 28.66
N SER A 93 38.91 -23.16 27.50
CA SER A 93 39.04 -23.92 26.26
C SER A 93 40.50 -24.25 25.99
N ALA A 94 41.39 -23.27 26.23
CA ALA A 94 42.82 -23.50 26.06
C ALA A 94 43.34 -24.53 27.05
N LEU A 95 42.84 -24.51 28.30
CA LEU A 95 43.28 -25.45 29.31
C LEU A 95 42.78 -26.87 29.08
N GLY A 96 41.85 -27.06 28.15
CA GLY A 96 41.39 -28.39 27.80
C GLY A 96 40.13 -28.86 28.49
N LEU A 97 39.40 -27.99 29.18
CA LEU A 97 38.15 -28.40 29.80
C LEU A 97 37.09 -28.56 28.73
N GLU A 98 36.18 -29.57 28.92
CA GLU A 98 35.22 -29.83 27.86
C GLU A 98 33.86 -29.20 28.14
N PRO A 99 33.12 -28.86 27.09
CA PRO A 99 31.79 -28.25 27.28
C PRO A 99 30.78 -29.23 27.86
N GLY A 100 29.91 -28.70 28.72
CA GLY A 100 28.82 -29.47 29.29
C GLY A 100 29.21 -30.50 30.34
N ARG A 101 30.50 -30.85 30.42
CA ARG A 101 30.95 -31.88 31.36
C ARG A 101 31.63 -31.24 32.58
N ASP A 102 32.66 -30.43 32.34
CA ASP A 102 33.38 -29.78 33.42
C ASP A 102 32.73 -28.46 33.83
N VAL A 103 32.31 -27.66 32.86
CA VAL A 103 31.65 -26.38 33.10
C VAL A 103 30.21 -26.48 32.62
N ASP A 104 29.27 -26.12 33.50
CA ASP A 104 27.86 -26.20 33.18
C ASP A 104 27.49 -25.03 32.28
N LEU A 105 26.97 -25.34 31.08
CA LEU A 105 26.58 -24.31 30.13
C LEU A 105 25.40 -23.49 30.63
N GLY A 106 24.64 -23.99 31.60
CA GLY A 106 23.55 -23.23 32.19
C GLY A 106 23.95 -22.26 33.27
N GLN A 107 25.24 -22.17 33.59
CA GLN A 107 25.74 -21.27 34.61
C GLN A 107 26.74 -20.25 34.08
N LEU A 108 27.21 -20.40 32.85
CA LEU A 108 28.20 -19.48 32.29
C LEU A 108 27.61 -18.08 32.14
N GLU A 109 28.51 -17.10 32.06
CA GLU A 109 28.12 -15.72 31.84
C GLU A 109 27.71 -15.50 30.40
N GLN A 110 26.92 -14.45 30.17
CA GLN A 110 26.44 -14.13 28.83
C GLN A 110 26.70 -12.66 28.52
N GLU A 111 27.01 -12.38 27.27
CA GLU A 111 27.27 -11.03 26.80
C GLU A 111 26.66 -10.85 25.41
N SER A 112 26.36 -9.60 25.07
CA SER A 112 25.84 -9.30 23.74
C SER A 112 26.94 -9.41 22.70
N CYS A 113 26.54 -9.52 21.44
CA CYS A 113 27.51 -9.63 20.35
C CYS A 113 28.38 -8.39 20.26
N LEU A 114 29.68 -8.59 20.44
CA LEU A 114 30.65 -7.51 20.32
C LEU A 114 31.34 -7.51 18.95
N ASP A 115 31.27 -8.61 18.21
CA ASP A 115 31.94 -8.76 16.93
C ASP A 115 30.97 -8.79 15.75
N GLY A 116 29.70 -8.50 15.97
CA GLY A 116 28.71 -8.53 14.90
C GLY A 116 27.89 -9.80 14.88
N TRP A 117 27.14 -9.95 13.80
CA TRP A 117 26.23 -11.06 13.58
C TRP A 117 26.64 -11.81 12.32
N GLU A 118 26.06 -13.00 12.13
CA GLU A 118 26.41 -13.84 10.99
C GLU A 118 25.44 -13.71 9.82
N PHE A 119 24.13 -13.59 10.09
CA PHE A 119 23.14 -13.35 9.05
C PHE A 119 23.16 -14.46 7.99
N SER A 120 22.72 -15.65 8.41
CA SER A 120 22.65 -16.80 7.51
C SER A 120 22.09 -16.39 6.15
N GLN A 121 22.59 -17.01 5.08
CA GLN A 121 22.21 -16.66 3.71
C GLN A 121 21.43 -17.77 3.02
N ASP A 122 20.64 -18.53 3.78
CA ASP A 122 19.83 -19.60 3.19
C ASP A 122 18.79 -19.06 2.22
N VAL A 123 18.14 -17.95 2.56
CA VAL A 123 17.10 -17.36 1.73
C VAL A 123 17.54 -16.04 1.12
N TYR A 124 18.10 -15.14 1.91
CA TYR A 124 18.52 -13.83 1.44
C TYR A 124 20.03 -13.72 1.42
N LEU A 125 20.55 -13.04 0.39
CA LEU A 125 21.98 -12.79 0.29
C LEU A 125 22.38 -11.53 1.06
N SER A 126 21.55 -10.49 1.00
CA SER A 126 21.80 -9.27 1.75
C SER A 126 20.54 -8.42 1.74
N THR A 127 20.34 -7.69 2.83
CA THR A 127 19.23 -6.76 2.98
C THR A 127 19.75 -5.56 3.75
N ILE A 128 18.94 -4.50 3.83
CA ILE A 128 19.35 -3.34 4.60
C ILE A 128 19.53 -3.72 6.08
N VAL A 129 18.75 -4.71 6.54
CA VAL A 129 18.92 -5.19 7.91
C VAL A 129 20.30 -5.79 8.09
N THR A 130 20.73 -6.63 7.14
CA THR A 130 22.08 -7.18 7.17
C THR A 130 23.12 -6.11 6.86
N GLU A 131 22.77 -5.15 6.00
CA GLU A 131 23.71 -4.11 5.63
C GLU A 131 24.12 -3.28 6.84
N TRP A 132 23.14 -2.86 7.65
CA TRP A 132 23.41 -1.97 8.78
C TRP A 132 23.12 -2.62 10.13
N ASN A 133 22.98 -3.95 10.17
CA ASN A 133 22.77 -4.69 11.40
C ASN A 133 21.61 -4.14 12.23
N LEU A 134 20.44 -4.08 11.60
CA LEU A 134 19.24 -3.59 12.28
C LEU A 134 18.57 -4.73 13.05
N VAL A 135 19.28 -5.24 14.04
CA VAL A 135 18.83 -6.38 14.83
C VAL A 135 19.05 -6.11 16.31
N CYS A 136 18.38 -6.92 17.14
CA CYS A 136 18.48 -6.84 18.58
C CYS A 136 18.19 -5.43 19.11
N GLU A 137 19.21 -4.73 19.62
CA GLU A 137 18.98 -3.40 20.16
C GLU A 137 18.49 -2.41 19.10
N ASP A 138 18.83 -2.64 17.83
CA ASP A 138 18.44 -1.75 16.75
C ASP A 138 17.30 -2.30 15.90
N ASP A 139 16.67 -3.41 16.33
CA ASP A 139 15.64 -4.03 15.50
C ASP A 139 14.45 -3.09 15.28
N TRP A 140 14.21 -2.15 16.19
CA TRP A 140 13.10 -1.24 16.02
C TRP A 140 13.26 -0.32 14.81
N LYS A 141 14.47 -0.22 14.25
CA LYS A 141 14.71 0.60 13.09
C LYS A 141 14.19 -0.01 11.79
N ALA A 142 13.84 -1.30 11.78
CA ALA A 142 13.30 -1.91 10.57
C ALA A 142 11.89 -1.43 10.28
N PRO A 143 10.95 -1.48 11.21
CA PRO A 143 9.61 -0.94 10.94
C PRO A 143 9.57 0.58 10.85
N LEU A 144 10.53 1.26 11.46
CA LEU A 144 10.56 2.72 11.39
C LEU A 144 10.74 3.23 9.97
N THR A 145 11.63 2.62 9.19
CA THR A 145 11.82 3.09 7.82
C THR A 145 10.58 2.82 6.95
N ILE A 146 9.81 1.78 7.26
CA ILE A 146 8.57 1.56 6.53
C ILE A 146 7.54 2.60 6.95
N SER A 147 7.48 2.92 8.24
CA SER A 147 6.54 3.93 8.68
C SER A 147 6.90 5.27 8.04
N LEU A 148 8.20 5.56 7.90
CA LEU A 148 8.60 6.82 7.29
C LEU A 148 8.30 6.83 5.80
N PHE A 149 8.32 5.67 5.15
CA PHE A 149 7.83 5.58 3.77
C PHE A 149 6.36 5.97 3.69
N PHE A 150 5.54 5.44 4.59
CA PHE A 150 4.12 5.79 4.56
C PHE A 150 3.87 7.22 5.02
N VAL A 151 4.76 7.77 5.86
CA VAL A 151 4.69 9.18 6.22
C VAL A 151 4.93 10.05 4.99
N GLY A 152 5.94 9.69 4.19
CA GLY A 152 6.15 10.39 2.93
C GLY A 152 4.97 10.27 2.00
N VAL A 153 4.36 9.08 1.93
CA VAL A 153 3.13 8.93 1.16
C VAL A 153 2.05 9.89 1.68
N LEU A 154 1.93 10.01 2.99
CA LEU A 154 0.96 10.93 3.58
C LEU A 154 1.21 12.37 3.14
N LEU A 155 2.44 12.86 3.29
CA LEU A 155 2.75 14.23 2.93
C LEU A 155 2.56 14.50 1.44
N GLY A 156 2.93 13.54 0.59
CA GLY A 156 2.71 13.71 -0.83
C GLY A 156 1.26 13.86 -1.23
N SER A 157 0.34 13.24 -0.48
CA SER A 157 -1.07 13.35 -0.79
C SER A 157 -1.60 14.78 -0.61
N PHE A 158 -1.03 15.54 0.32
CA PHE A 158 -1.52 16.91 0.53
C PHE A 158 -1.14 17.83 -0.62
N ILE A 159 0.11 17.76 -1.08
CA ILE A 159 0.60 18.72 -2.06
C ILE A 159 0.35 18.32 -3.51
N SER A 160 0.10 17.04 -3.77
CA SER A 160 -0.06 16.59 -5.15
C SER A 160 -1.24 17.25 -5.84
N GLY A 161 -2.38 17.35 -5.15
CA GLY A 161 -3.54 17.97 -5.76
C GLY A 161 -3.30 19.43 -6.12
N GLN A 162 -2.76 20.20 -5.18
CA GLN A 162 -2.48 21.61 -5.45
C GLN A 162 -1.47 21.75 -6.58
N LEU A 163 -0.42 20.94 -6.58
CA LEU A 163 0.61 21.04 -7.62
C LEU A 163 0.03 20.71 -8.99
N SER A 164 -0.81 19.67 -9.08
CA SER A 164 -1.40 19.32 -10.37
C SER A 164 -2.41 20.36 -10.83
N ASP A 165 -3.15 20.96 -9.90
CA ASP A 165 -4.06 22.05 -10.27
C ASP A 165 -3.29 23.26 -10.78
N ARG A 166 -2.13 23.54 -10.18
CA ARG A 166 -1.34 24.70 -10.59
C ARG A 166 -0.62 24.47 -11.91
N PHE A 167 -0.05 23.29 -12.13
CA PHE A 167 0.79 23.06 -13.29
C PHE A 167 0.27 22.04 -14.30
N GLY A 168 -0.86 21.39 -14.03
CA GLY A 168 -1.41 20.47 -15.01
C GLY A 168 -1.18 19.01 -14.65
N ARG A 169 -2.09 18.16 -15.12
CA ARG A 169 -2.09 16.76 -14.71
C ARG A 169 -0.92 16.00 -15.31
N LYS A 170 -0.68 16.15 -16.61
CA LYS A 170 0.40 15.41 -17.27
C LYS A 170 1.77 15.83 -16.77
N ASN A 171 2.00 17.14 -16.60
CA ASN A 171 3.31 17.60 -16.14
C ASN A 171 3.65 17.02 -14.78
N VAL A 172 2.74 17.15 -13.81
CA VAL A 172 2.98 16.60 -12.48
C VAL A 172 3.10 15.08 -12.53
N LEU A 173 2.21 14.42 -13.27
CA LEU A 173 2.31 12.97 -13.46
C LEU A 173 3.72 12.55 -13.83
N PHE A 174 4.23 13.07 -14.93
CA PHE A 174 5.54 12.62 -15.42
C PHE A 174 6.69 13.11 -14.55
N VAL A 175 6.59 14.32 -13.98
CA VAL A 175 7.66 14.80 -13.11
C VAL A 175 7.77 13.94 -11.85
N THR A 176 6.63 13.63 -11.23
CA THR A 176 6.65 12.80 -10.04
C THR A 176 7.04 11.36 -10.34
N MET A 177 6.64 10.81 -11.49
CA MET A 177 7.14 9.50 -11.89
C MET A 177 8.66 9.51 -12.04
N GLY A 178 9.20 10.58 -12.64
CA GLY A 178 10.63 10.69 -12.79
C GLY A 178 11.35 10.79 -11.46
N MET A 179 10.81 11.59 -10.54
CA MET A 179 11.45 11.72 -9.24
C MET A 179 11.37 10.42 -8.45
N GLN A 180 10.25 9.71 -8.54
CA GLN A 180 10.14 8.41 -7.89
C GLN A 180 11.19 7.44 -8.40
N THR A 181 11.39 7.40 -9.72
CA THR A 181 12.38 6.45 -10.26
C THR A 181 13.80 6.91 -9.96
N GLY A 182 14.06 8.21 -10.05
CA GLY A 182 15.39 8.70 -9.76
C GLY A 182 15.80 8.46 -8.32
N PHE A 183 14.90 8.76 -7.38
CA PHE A 183 15.24 8.55 -5.98
C PHE A 183 15.29 7.08 -5.62
N SER A 184 14.44 6.24 -6.24
CA SER A 184 14.55 4.81 -5.97
C SER A 184 15.88 4.26 -6.47
N PHE A 185 16.32 4.74 -7.65
CA PHE A 185 17.62 4.33 -8.18
C PHE A 185 18.77 4.81 -7.30
N LEU A 186 18.70 6.04 -6.80
CA LEU A 186 19.78 6.56 -5.97
C LEU A 186 19.98 5.75 -4.70
N GLN A 187 18.93 5.09 -4.21
CA GLN A 187 19.08 4.29 -2.99
C GLN A 187 20.12 3.20 -3.15
N ILE A 188 20.42 2.79 -4.39
CA ILE A 188 21.46 1.80 -4.62
C ILE A 188 22.80 2.28 -4.09
N PHE A 189 23.04 3.59 -4.16
CA PHE A 189 24.28 4.21 -3.72
C PHE A 189 24.21 4.73 -2.29
N SER A 190 23.26 4.25 -1.50
CA SER A 190 23.15 4.73 -0.13
C SER A 190 24.47 4.52 0.62
N LYS A 191 24.88 5.55 1.34
CA LYS A 191 26.12 5.51 2.10
C LYS A 191 25.91 5.20 3.57
N ASN A 192 24.71 5.47 4.10
CA ASN A 192 24.38 5.21 5.49
C ASN A 192 22.88 5.00 5.61
N PHE A 193 22.44 4.65 6.80
CA PHE A 193 21.01 4.39 7.03
C PHE A 193 20.18 5.65 6.81
N GLU A 194 20.69 6.80 7.27
CA GLU A 194 19.94 8.05 7.17
C GLU A 194 19.63 8.41 5.72
N MET A 195 20.62 8.26 4.83
CA MET A 195 20.42 8.57 3.44
C MET A 195 19.34 7.67 2.83
N PHE A 196 19.39 6.38 3.16
CA PHE A 196 18.39 5.45 2.66
C PHE A 196 16.99 5.83 3.12
N VAL A 197 16.82 6.15 4.40
CA VAL A 197 15.48 6.50 4.89
C VAL A 197 14.98 7.78 4.23
N VAL A 198 15.83 8.80 4.12
CA VAL A 198 15.41 10.04 3.49
C VAL A 198 15.00 9.81 2.04
N LEU A 199 15.79 9.02 1.31
CA LEU A 199 15.42 8.75 -0.07
C LEU A 199 14.14 7.93 -0.15
N PHE A 200 13.92 7.01 0.80
CA PHE A 200 12.69 6.24 0.79
C PHE A 200 11.48 7.14 1.00
N VAL A 201 11.62 8.13 1.90
CA VAL A 201 10.55 9.10 2.13
C VAL A 201 10.21 9.84 0.83
N LEU A 202 11.24 10.32 0.13
CA LEU A 202 10.98 11.02 -1.13
C LEU A 202 10.43 10.10 -2.21
N VAL A 203 10.86 8.83 -2.21
CA VAL A 203 10.29 7.83 -3.10
C VAL A 203 8.79 7.70 -2.87
N GLY A 204 8.38 7.56 -1.61
CA GLY A 204 6.95 7.47 -1.31
C GLY A 204 6.18 8.72 -1.71
N MET A 205 6.78 9.90 -1.49
CA MET A 205 6.13 11.14 -1.90
C MET A 205 5.88 11.18 -3.40
N GLY A 206 6.85 10.74 -4.20
CA GLY A 206 6.61 10.66 -5.62
C GLY A 206 5.67 9.55 -6.04
N GLN A 207 5.70 8.41 -5.35
CA GLN A 207 4.81 7.32 -5.69
C GLN A 207 3.35 7.76 -5.52
N ILE A 208 3.05 8.44 -4.42
CA ILE A 208 1.68 8.93 -4.24
C ILE A 208 1.38 10.02 -5.24
N SER A 209 2.34 10.90 -5.54
CA SER A 209 2.00 12.02 -6.40
C SER A 209 1.68 11.54 -7.81
N ASN A 210 2.49 10.63 -8.35
CA ASN A 210 2.22 10.08 -9.68
C ASN A 210 1.08 9.07 -9.68
N TYR A 211 0.57 8.67 -8.51
CA TYR A 211 -0.65 7.87 -8.52
C TYR A 211 -1.87 8.78 -8.58
N VAL A 212 -1.90 9.81 -7.73
CA VAL A 212 -3.02 10.76 -7.71
C VAL A 212 -3.15 11.47 -9.05
N ALA A 213 -2.03 11.92 -9.63
CA ALA A 213 -2.10 12.65 -10.90
C ALA A 213 -2.69 11.78 -12.00
N ALA A 214 -2.25 10.53 -12.11
CA ALA A 214 -2.79 9.63 -13.12
C ALA A 214 -4.26 9.32 -12.88
N PHE A 215 -4.65 9.09 -11.62
CA PHE A 215 -6.06 8.90 -11.31
C PHE A 215 -6.91 10.08 -11.77
N VAL A 216 -6.50 11.30 -11.42
CA VAL A 216 -7.27 12.48 -11.80
C VAL A 216 -7.34 12.63 -13.31
N LEU A 217 -6.20 12.47 -13.99
CA LEU A 217 -6.20 12.62 -15.45
C LEU A 217 -7.13 11.61 -16.11
N GLY A 218 -7.03 10.34 -15.70
CA GLY A 218 -7.89 9.32 -16.27
C GLY A 218 -9.37 9.57 -16.01
N THR A 219 -9.72 9.95 -14.78
CA THR A 219 -11.11 10.21 -14.48
C THR A 219 -11.63 11.46 -15.18
N GLU A 220 -10.76 12.39 -15.56
CA GLU A 220 -11.20 13.58 -16.26
C GLU A 220 -11.32 13.38 -17.77
N ILE A 221 -10.49 12.54 -18.38
CA ILE A 221 -10.59 12.33 -19.83
C ILE A 221 -11.76 11.41 -20.19
N LEU A 222 -11.92 10.30 -19.47
CA LEU A 222 -12.89 9.29 -19.88
C LEU A 222 -14.33 9.77 -19.70
N GLY A 223 -15.25 9.00 -20.28
CA GLY A 223 -16.66 9.33 -20.33
C GLY A 223 -17.37 9.10 -19.01
N LYS A 224 -18.69 9.29 -19.04
CA LYS A 224 -19.49 9.21 -17.83
C LYS A 224 -19.50 7.81 -17.23
N SER A 225 -19.65 6.78 -18.05
CA SER A 225 -19.72 5.41 -17.53
C SER A 225 -18.35 4.77 -17.38
N VAL A 226 -17.49 4.89 -18.40
CA VAL A 226 -16.17 4.28 -18.32
C VAL A 226 -15.36 4.87 -17.17
N ARG A 227 -15.75 6.06 -16.70
CA ARG A 227 -15.04 6.69 -15.59
C ARG A 227 -15.07 5.83 -14.34
N ILE A 228 -16.25 5.28 -14.00
CA ILE A 228 -16.36 4.44 -12.80
C ILE A 228 -15.58 3.15 -12.97
N ILE A 229 -15.63 2.54 -14.15
CA ILE A 229 -14.87 1.31 -14.37
C ILE A 229 -13.38 1.59 -14.23
N PHE A 230 -12.90 2.68 -14.81
CA PHE A 230 -11.49 3.03 -14.67
C PHE A 230 -11.12 3.27 -13.21
N SER A 231 -11.96 4.01 -12.49
CA SER A 231 -11.67 4.35 -11.10
C SER A 231 -11.67 3.15 -10.18
N THR A 232 -12.52 2.14 -10.45
CA THR A 232 -12.65 1.02 -9.51
C THR A 232 -11.93 -0.26 -9.95
N LEU A 233 -11.95 -0.63 -11.23
CA LEU A 233 -11.31 -1.88 -11.66
C LEU A 233 -10.01 -1.70 -12.40
N GLY A 234 -9.83 -0.62 -13.16
CA GLY A 234 -8.62 -0.46 -13.93
C GLY A 234 -7.35 -0.33 -13.11
N VAL A 235 -7.26 0.76 -12.36
CA VAL A 235 -6.03 1.03 -11.62
C VAL A 235 -5.82 -0.01 -10.55
N CYS A 236 -6.89 -0.47 -9.89
CA CYS A 236 -6.73 -1.43 -8.81
C CYS A 236 -6.18 -2.74 -9.35
N ILE A 237 -6.71 -3.21 -10.48
CA ILE A 237 -6.26 -4.48 -11.04
C ILE A 237 -4.82 -4.38 -11.55
N PHE A 238 -4.45 -3.24 -12.13
CA PHE A 238 -3.05 -3.12 -12.58
C PHE A 238 -2.07 -2.96 -11.42
N TYR A 239 -2.47 -2.27 -10.35
CA TYR A 239 -1.69 -2.28 -9.12
C TYR A 239 -1.53 -3.71 -8.59
N ALA A 240 -2.61 -4.49 -8.59
CA ALA A 240 -2.51 -5.87 -8.14
C ALA A 240 -1.57 -6.68 -9.03
N PHE A 241 -1.60 -6.43 -10.34
CA PHE A 241 -0.69 -7.12 -11.25
C PHE A 241 0.76 -6.81 -10.92
N GLY A 242 1.06 -5.54 -10.64
CA GLY A 242 2.40 -5.18 -10.24
C GLY A 242 2.81 -5.84 -8.93
N TYR A 243 1.92 -5.79 -7.93
CA TYR A 243 2.21 -6.45 -6.66
C TYR A 243 2.47 -7.95 -6.87
N MET A 244 1.73 -8.58 -7.78
CA MET A 244 1.93 -9.99 -8.06
C MET A 244 3.27 -10.23 -8.75
N VAL A 245 3.72 -9.29 -9.57
CA VAL A 245 5.00 -9.45 -10.24
C VAL A 245 6.18 -9.18 -9.30
N LEU A 246 5.97 -8.43 -8.23
CA LEU A 246 7.05 -8.12 -7.29
C LEU A 246 7.80 -9.36 -6.79
N PRO A 247 7.13 -10.41 -6.28
CA PRO A 247 7.87 -11.58 -5.80
C PRO A 247 8.56 -12.39 -6.89
N LEU A 248 8.10 -12.31 -8.14
CA LEU A 248 8.78 -13.03 -9.22
C LEU A 248 10.22 -12.55 -9.39
N PHE A 249 10.43 -11.24 -9.32
CA PHE A 249 11.79 -10.71 -9.38
C PHE A 249 12.59 -11.12 -8.14
N ALA A 250 12.00 -10.95 -6.96
CA ALA A 250 12.70 -11.28 -5.72
C ALA A 250 13.11 -12.74 -5.67
N TYR A 251 12.39 -13.62 -6.38
CA TYR A 251 12.79 -15.03 -6.40
C TYR A 251 14.16 -15.21 -7.04
N PHE A 252 14.45 -14.47 -8.10
CA PHE A 252 15.72 -14.61 -8.80
C PHE A 252 16.79 -13.67 -8.28
N ILE A 253 16.41 -12.51 -7.77
CA ILE A 253 17.35 -11.52 -7.25
C ILE A 253 17.17 -11.46 -5.74
N ARG A 254 18.24 -11.69 -5.00
CA ARG A 254 18.21 -11.75 -3.54
C ARG A 254 19.20 -10.77 -2.92
N ASP A 255 19.65 -9.77 -3.69
CA ASP A 255 20.49 -8.69 -3.21
C ASP A 255 19.68 -7.41 -3.32
N TRP A 256 19.57 -6.67 -2.21
CA TRP A 256 18.69 -5.51 -2.23
C TRP A 256 19.13 -4.47 -3.25
N ARG A 257 20.43 -4.32 -3.47
CA ARG A 257 20.89 -3.36 -4.48
C ARG A 257 20.46 -3.80 -5.88
N MET A 258 20.70 -5.07 -6.22
CA MET A 258 20.30 -5.56 -7.53
C MET A 258 18.78 -5.65 -7.64
N LEU A 259 18.09 -5.94 -6.53
CA LEU A 259 16.63 -5.94 -6.56
C LEU A 259 16.11 -4.54 -6.84
N LEU A 260 16.72 -3.51 -6.24
CA LEU A 260 16.33 -2.14 -6.54
C LEU A 260 16.62 -1.79 -7.99
N VAL A 261 17.76 -2.26 -8.51
CA VAL A 261 18.07 -2.02 -9.92
C VAL A 261 16.98 -2.62 -10.81
N ALA A 262 16.56 -3.85 -10.50
CA ALA A 262 15.52 -4.48 -11.32
C ALA A 262 14.18 -3.79 -11.18
N LEU A 263 13.73 -3.53 -9.94
CA LEU A 263 12.43 -2.92 -9.73
C LEU A 263 12.33 -1.51 -10.28
N THR A 264 13.45 -0.79 -10.42
CA THR A 264 13.41 0.54 -11.00
C THR A 264 13.48 0.53 -12.52
N MET A 265 13.80 -0.61 -13.14
CA MET A 265 13.89 -0.67 -14.60
C MET A 265 12.54 -0.41 -15.27
N PRO A 266 11.43 -1.03 -14.85
CA PRO A 266 10.15 -0.75 -15.51
C PRO A 266 9.74 0.71 -15.46
N GLY A 267 10.09 1.43 -14.39
CA GLY A 267 9.76 2.85 -14.32
C GLY A 267 10.34 3.68 -15.45
N VAL A 268 11.49 3.26 -15.99
CA VAL A 268 12.07 3.97 -17.12
C VAL A 268 11.18 3.83 -18.35
N LEU A 269 10.60 2.65 -18.57
CA LEU A 269 9.74 2.45 -19.73
C LEU A 269 8.53 3.37 -19.72
N CYS A 270 8.00 3.70 -18.54
CA CYS A 270 6.83 4.56 -18.46
C CYS A 270 7.08 5.95 -19.02
N VAL A 271 8.34 6.37 -19.13
CA VAL A 271 8.66 7.67 -19.71
C VAL A 271 8.30 7.71 -21.20
N ALA A 272 8.19 6.56 -21.85
CA ALA A 272 7.83 6.52 -23.27
C ALA A 272 6.40 6.97 -23.54
N LEU A 273 5.57 7.12 -22.51
CA LEU A 273 4.18 7.54 -22.66
C LEU A 273 3.98 9.03 -22.91
N TRP A 274 5.03 9.86 -22.86
CA TRP A 274 4.81 11.30 -23.05
C TRP A 274 4.16 11.62 -24.40
N TRP A 275 4.45 10.85 -25.45
CA TRP A 275 3.93 11.10 -26.78
C TRP A 275 2.59 10.42 -27.06
N PHE A 276 2.01 9.72 -26.08
CA PHE A 276 0.76 9.01 -26.31
C PHE A 276 -0.34 9.39 -25.34
N ILE A 277 -0.06 10.17 -24.30
CA ILE A 277 -1.04 10.59 -23.32
C ILE A 277 -1.27 12.09 -23.51
N PRO A 278 -2.50 12.55 -23.73
CA PRO A 278 -2.75 13.98 -23.87
C PRO A 278 -3.01 14.65 -22.53
N GLU A 279 -3.10 15.98 -22.58
CA GLU A 279 -3.47 16.75 -21.40
C GLU A 279 -4.98 16.74 -21.23
N SER A 280 -5.43 16.93 -20.00
CA SER A 280 -6.86 16.95 -19.70
C SER A 280 -7.52 18.16 -20.34
N PRO A 281 -8.36 18.01 -21.35
CA PRO A 281 -8.99 19.20 -21.96
C PRO A 281 -9.83 20.00 -20.97
N ARG A 282 -10.44 19.34 -20.00
CA ARG A 282 -11.25 20.06 -19.01
C ARG A 282 -10.40 21.03 -18.21
N TRP A 283 -9.22 20.59 -17.76
CA TRP A 283 -8.32 21.48 -17.04
C TRP A 283 -7.87 22.65 -17.91
N LEU A 284 -7.52 22.37 -19.18
CA LEU A 284 -7.10 23.44 -20.07
C LEU A 284 -8.22 24.46 -20.26
N ILE A 285 -9.45 23.99 -20.42
CA ILE A 285 -10.59 24.90 -20.53
C ILE A 285 -10.72 25.73 -19.27
N SER A 286 -10.58 25.10 -18.10
CA SER A 286 -10.64 25.84 -16.84
C SER A 286 -9.55 26.90 -16.77
N GLN A 287 -8.43 26.67 -17.45
CA GLN A 287 -7.34 27.64 -17.49
C GLN A 287 -7.52 28.69 -18.57
N GLY A 288 -8.54 28.57 -19.41
CA GLY A 288 -8.74 29.52 -20.49
C GLY A 288 -7.94 29.22 -21.74
N ARG A 289 -7.32 28.04 -21.81
CA ARG A 289 -6.53 27.62 -22.97
C ARG A 289 -7.40 26.81 -23.92
N PHE A 290 -8.42 27.49 -24.46
CA PHE A 290 -9.41 26.82 -25.29
C PHE A 290 -8.82 26.29 -26.59
N GLU A 291 -7.79 26.93 -27.13
CA GLU A 291 -7.19 26.45 -28.37
C GLU A 291 -6.61 25.05 -28.21
N GLU A 292 -5.85 24.83 -27.13
CA GLU A 292 -5.26 23.50 -26.91
C GLU A 292 -6.34 22.45 -26.65
N ALA A 293 -7.38 22.80 -25.90
CA ALA A 293 -8.47 21.85 -25.67
C ALA A 293 -9.17 21.50 -26.97
N GLU A 294 -9.41 22.49 -27.84
CA GLU A 294 -10.02 22.21 -29.13
C GLU A 294 -9.11 21.33 -29.97
N VAL A 295 -7.81 21.58 -29.96
CA VAL A 295 -6.87 20.76 -30.71
C VAL A 295 -6.93 19.31 -30.24
N ILE A 296 -6.92 19.11 -28.93
CA ILE A 296 -6.95 17.75 -28.38
C ILE A 296 -8.28 17.07 -28.72
N ILE A 297 -9.39 17.78 -28.62
CA ILE A 297 -10.68 17.21 -28.94
C ILE A 297 -10.74 16.82 -30.42
N ARG A 298 -10.25 17.67 -31.30
CA ARG A 298 -10.25 17.35 -32.73
C ARG A 298 -9.37 16.14 -33.00
N LYS A 299 -8.20 16.06 -32.35
CA LYS A 299 -7.34 14.90 -32.53
C LYS A 299 -8.05 13.63 -32.09
N ALA A 300 -8.74 13.68 -30.94
CA ALA A 300 -9.48 12.52 -30.48
C ALA A 300 -10.59 12.13 -31.45
N ALA A 301 -11.32 13.12 -31.97
CA ALA A 301 -12.37 12.82 -32.94
C ALA A 301 -11.81 12.17 -34.19
N LYS A 302 -10.68 12.69 -34.69
CA LYS A 302 -10.05 12.07 -35.85
C LYS A 302 -9.62 10.64 -35.54
N ALA A 303 -9.07 10.41 -34.35
CA ALA A 303 -8.65 9.06 -33.98
C ALA A 303 -9.84 8.11 -33.94
N ASN A 304 -10.96 8.54 -33.37
CA ASN A 304 -12.14 7.68 -33.32
C ASN A 304 -12.83 7.56 -34.67
N GLY A 305 -12.48 8.39 -35.65
CA GLY A 305 -13.08 8.32 -36.96
C GLY A 305 -14.48 8.91 -37.05
N ILE A 306 -14.76 9.97 -36.31
CA ILE A 306 -16.05 10.65 -36.34
C ILE A 306 -15.91 11.94 -37.13
N VAL A 307 -16.72 12.08 -38.18
CA VAL A 307 -16.73 13.33 -38.95
C VAL A 307 -17.32 14.41 -38.06
N VAL A 308 -16.63 15.55 -37.97
CA VAL A 308 -17.00 16.58 -37.01
C VAL A 308 -17.16 17.93 -37.68
N PRO A 309 -18.27 18.16 -38.40
CA PRO A 309 -18.51 19.50 -38.94
C PRO A 309 -18.92 20.48 -37.85
N SER A 310 -19.08 21.76 -38.21
CA SER A 310 -19.46 22.77 -37.22
C SER A 310 -20.81 22.47 -36.60
N THR A 311 -21.74 21.89 -37.37
CA THR A 311 -23.08 21.61 -36.86
C THR A 311 -23.09 20.56 -35.74
N ILE A 312 -22.00 19.81 -35.56
CA ILE A 312 -21.91 18.86 -34.46
C ILE A 312 -20.85 19.23 -33.44
N PHE A 313 -19.93 20.14 -33.76
CA PHE A 313 -18.94 20.62 -32.79
C PHE A 313 -18.68 22.10 -33.08
N ASP A 314 -19.23 22.97 -32.22
CA ASP A 314 -19.02 24.41 -32.34
C ASP A 314 -18.08 24.83 -31.22
N PRO A 315 -16.84 25.25 -31.53
CA PRO A 315 -15.91 25.62 -30.46
C PRO A 315 -16.23 26.93 -29.78
N SER A 316 -17.13 27.75 -30.32
CA SER A 316 -17.48 28.99 -29.65
C SER A 316 -18.16 28.74 -28.32
N GLU A 317 -19.05 27.74 -28.26
CA GLU A 317 -19.68 27.38 -27.00
C GLU A 317 -18.67 26.83 -25.99
N LEU A 318 -17.54 26.31 -26.48
CA LEU A 318 -16.51 25.79 -25.57
C LEU A 318 -15.97 26.86 -24.64
N GLN A 319 -16.06 28.14 -25.04
CA GLN A 319 -15.61 29.25 -24.22
C GLN A 319 -16.67 29.78 -23.27
N ASP A 320 -17.91 29.28 -23.36
CA ASP A 320 -19.00 29.75 -22.53
C ASP A 320 -19.77 28.57 -21.95
N LEU A 321 -19.02 27.61 -21.39
CA LEU A 321 -19.58 26.44 -20.74
C LEU A 321 -20.05 26.76 -19.31
N SER A 322 -20.95 25.92 -18.83
CA SER A 322 -21.43 26.03 -17.45
C SER A 322 -20.37 25.54 -16.47
N SER A 323 -20.45 26.04 -15.24
CA SER A 323 -19.52 25.69 -14.19
C SER A 323 -20.30 25.40 -12.91
N LYS A 324 -19.93 24.33 -12.22
CA LYS A 324 -20.61 23.91 -11.00
C LYS A 324 -20.23 24.82 -9.84
N LYS A 325 -21.15 24.97 -8.89
CA LYS A 325 -20.92 25.85 -7.76
C LYS A 325 -19.81 25.28 -6.87
N GLN A 326 -18.95 26.16 -6.36
CA GLN A 326 -17.88 25.75 -5.48
C GLN A 326 -18.41 24.99 -4.27
N GLN A 327 -17.69 23.94 -3.88
CA GLN A 327 -17.98 23.24 -2.64
C GLN A 327 -17.32 23.94 -1.47
N SER A 328 -17.93 23.83 -0.29
CA SER A 328 -17.39 24.50 0.89
C SER A 328 -16.01 23.97 1.21
N HIS A 329 -15.18 24.82 1.82
CA HIS A 329 -13.83 24.44 2.21
C HIS A 329 -13.59 24.42 3.72
N ASN A 330 -14.45 25.07 4.50
CA ASN A 330 -14.26 25.09 5.95
C ASN A 330 -14.54 23.72 6.55
N ILE A 331 -13.54 23.16 7.23
CA ILE A 331 -13.67 21.86 7.88
C ILE A 331 -14.63 21.90 9.06
N LEU A 332 -14.98 23.09 9.54
CA LEU A 332 -15.93 23.18 10.64
C LEU A 332 -17.32 22.71 10.21
N ASP A 333 -17.66 22.85 8.93
CA ASP A 333 -18.96 22.41 8.46
C ASP A 333 -19.17 20.91 8.69
N LEU A 334 -18.08 20.14 8.75
CA LEU A 334 -18.18 18.72 9.04
C LEU A 334 -18.40 18.41 10.52
N LEU A 335 -18.19 19.39 11.41
CA LEU A 335 -18.24 19.15 12.84
C LEU A 335 -19.22 20.05 13.57
N ARG A 336 -19.95 20.90 12.87
CA ARG A 336 -20.88 21.81 13.52
C ARG A 336 -22.27 21.21 13.73
N THR A 337 -22.55 20.05 13.15
CA THR A 337 -23.85 19.41 13.30
C THR A 337 -23.66 17.98 13.80
N TRP A 338 -24.64 17.52 14.58
CA TRP A 338 -24.54 16.21 15.22
C TRP A 338 -24.43 15.08 14.20
N ASN A 339 -25.35 15.04 13.23
CA ASN A 339 -25.39 13.92 12.29
C ASN A 339 -24.11 13.84 11.46
N ILE A 340 -23.70 14.96 10.85
CA ILE A 340 -22.51 14.93 10.02
C ILE A 340 -21.26 14.68 10.87
N ARG A 341 -21.23 15.17 12.11
CA ARG A 341 -20.10 14.88 13.00
C ARG A 341 -20.00 13.39 13.28
N MET A 342 -21.11 12.75 13.62
CA MET A 342 -21.10 11.32 13.88
C MET A 342 -20.69 10.55 12.64
N VAL A 343 -21.24 10.92 11.48
CA VAL A 343 -20.89 10.25 10.23
C VAL A 343 -19.39 10.38 9.96
N THR A 344 -18.84 11.58 10.17
CA THR A 344 -17.41 11.79 9.93
C THR A 344 -16.55 10.96 10.86
N ILE A 345 -16.90 10.89 12.15
CA ILE A 345 -16.11 10.09 13.07
C ILE A 345 -16.18 8.61 12.70
N MET A 346 -17.37 8.11 12.37
CA MET A 346 -17.49 6.72 11.94
C MET A 346 -16.69 6.45 10.67
N SER A 347 -16.75 7.35 9.69
CA SER A 347 -15.97 7.16 8.46
C SER A 347 -14.47 7.17 8.75
N ILE A 348 -14.01 8.07 9.61
CA ILE A 348 -12.59 8.11 9.95
C ILE A 348 -12.16 6.78 10.56
N MET A 349 -12.90 6.31 11.56
CA MET A 349 -12.56 5.05 12.21
C MET A 349 -12.57 3.89 11.22
N LEU A 350 -13.61 3.83 10.38
CA LEU A 350 -13.72 2.76 9.39
C LEU A 350 -12.54 2.75 8.43
N TRP A 351 -12.24 3.89 7.81
CA TRP A 351 -11.13 3.95 6.87
C TRP A 351 -9.80 3.62 7.54
N MET A 352 -9.56 4.18 8.73
CA MET A 352 -8.29 3.93 9.42
C MET A 352 -8.12 2.45 9.74
N THR A 353 -9.16 1.82 10.30
CA THR A 353 -9.05 0.41 10.64
C THR A 353 -8.88 -0.45 9.40
N ILE A 354 -9.63 -0.17 8.33
CA ILE A 354 -9.51 -0.99 7.13
C ILE A 354 -8.10 -0.87 6.56
N SER A 355 -7.56 0.35 6.51
CA SER A 355 -6.19 0.52 6.00
C SER A 355 -5.18 -0.20 6.87
N VAL A 356 -5.32 -0.08 8.20
CA VAL A 356 -4.40 -0.77 9.11
C VAL A 356 -4.43 -2.26 8.84
N GLY A 357 -5.62 -2.86 8.76
CA GLY A 357 -5.70 -4.28 8.50
C GLY A 357 -5.13 -4.68 7.16
N TYR A 358 -5.48 -3.94 6.10
CA TYR A 358 -5.01 -4.28 4.76
C TYR A 358 -3.48 -4.25 4.68
N PHE A 359 -2.86 -3.21 5.22
CA PHE A 359 -1.41 -3.15 5.15
C PHE A 359 -0.74 -4.09 6.13
N GLY A 360 -1.31 -4.31 7.30
CA GLY A 360 -0.69 -5.26 8.22
C GLY A 360 -0.71 -6.66 7.65
N LEU A 361 -1.82 -7.04 7.01
CA LEU A 361 -1.91 -8.36 6.40
C LEU A 361 -0.98 -8.47 5.20
N SER A 362 -0.73 -7.37 4.48
CA SER A 362 0.17 -7.46 3.34
C SER A 362 1.63 -7.52 3.77
N LEU A 363 2.01 -6.75 4.78
CA LEU A 363 3.37 -6.72 5.29
C LEU A 363 3.74 -7.95 6.13
N ASP A 364 2.78 -8.77 6.54
CA ASP A 364 3.07 -9.92 7.38
C ASP A 364 3.31 -11.20 6.60
N THR A 365 3.29 -11.15 5.27
CA THR A 365 3.51 -12.37 4.48
C THR A 365 4.82 -13.08 4.79
N PRO A 366 5.96 -12.39 4.97
CA PRO A 366 7.21 -13.12 5.23
C PRO A 366 7.22 -13.93 6.52
N ASN A 367 6.25 -13.75 7.42
CA ASN A 367 6.24 -14.49 8.68
C ASN A 367 5.38 -15.74 8.64
N LEU A 368 4.56 -15.92 7.61
CA LEU A 368 3.70 -17.10 7.53
C LEU A 368 4.53 -18.35 7.21
N HIS A 369 4.00 -19.49 7.61
CA HIS A 369 4.65 -20.77 7.31
C HIS A 369 4.56 -21.08 5.83
N GLY A 370 5.67 -21.54 5.26
CA GLY A 370 5.70 -21.90 3.85
C GLY A 370 6.73 -21.10 3.08
N ASP A 371 6.58 -21.04 1.75
CA ASP A 371 7.50 -20.28 0.92
C ASP A 371 7.07 -18.82 0.92
N ILE A 372 8.00 -17.93 1.28
CA ILE A 372 7.67 -16.52 1.39
C ILE A 372 7.28 -15.95 0.03
N PHE A 373 7.92 -16.43 -1.04
CA PHE A 373 7.60 -15.91 -2.37
C PHE A 373 6.21 -16.35 -2.82
N VAL A 374 5.88 -17.63 -2.63
CA VAL A 374 4.55 -18.11 -2.98
C VAL A 374 3.49 -17.47 -2.10
N ASN A 375 3.79 -17.28 -0.81
CA ASN A 375 2.83 -16.63 0.07
C ASN A 375 2.59 -15.19 -0.33
N CYS A 376 3.64 -14.47 -0.72
CA CYS A 376 3.47 -13.10 -1.21
C CYS A 376 2.64 -13.08 -2.49
N PHE A 377 2.91 -14.00 -3.42
CA PHE A 377 2.13 -14.05 -4.65
C PHE A 377 0.66 -14.32 -4.35
N LEU A 378 0.38 -15.27 -3.45
CA LEU A 378 -1.00 -15.55 -3.08
C LEU A 378 -1.66 -14.32 -2.45
N SER A 379 -0.93 -13.63 -1.57
CA SER A 379 -1.47 -12.42 -0.97
C SER A 379 -1.85 -11.39 -2.03
N ALA A 380 -1.02 -11.25 -3.06
CA ALA A 380 -1.33 -10.32 -4.14
C ALA A 380 -2.42 -10.84 -5.07
N MET A 381 -2.45 -12.15 -5.32
CA MET A 381 -3.41 -12.71 -6.27
C MET A 381 -4.86 -12.53 -5.81
N VAL A 382 -5.14 -12.76 -4.53
CA VAL A 382 -6.49 -12.69 -4.01
C VAL A 382 -7.12 -11.30 -4.12
N GLU A 383 -6.35 -10.27 -4.43
CA GLU A 383 -6.91 -8.93 -4.54
C GLU A 383 -7.79 -8.78 -5.78
N VAL A 384 -7.43 -9.41 -6.89
CA VAL A 384 -8.19 -9.29 -8.13
C VAL A 384 -9.63 -9.76 -7.96
N PRO A 385 -9.87 -10.98 -7.49
CA PRO A 385 -11.26 -11.39 -7.24
C PRO A 385 -11.95 -10.53 -6.21
N ALA A 386 -11.20 -9.99 -5.25
CA ALA A 386 -11.80 -9.08 -4.27
C ALA A 386 -12.35 -7.85 -4.95
N TYR A 387 -11.57 -7.25 -5.85
CA TYR A 387 -12.03 -6.07 -6.58
C TYR A 387 -13.24 -6.40 -7.46
N VAL A 388 -13.20 -7.53 -8.16
CA VAL A 388 -14.34 -7.91 -9.00
C VAL A 388 -15.60 -8.10 -8.16
N LEU A 389 -15.48 -8.80 -7.03
CA LEU A 389 -16.65 -9.00 -6.17
C LEU A 389 -17.15 -7.69 -5.60
N ALA A 390 -16.23 -6.80 -5.21
CA ALA A 390 -16.64 -5.50 -4.68
C ALA A 390 -17.44 -4.73 -5.71
N TRP A 391 -16.96 -4.71 -6.96
CA TRP A 391 -17.67 -4.01 -8.02
C TRP A 391 -19.05 -4.61 -8.26
N LEU A 392 -19.14 -5.95 -8.32
CA LEU A 392 -20.45 -6.58 -8.51
C LEU A 392 -21.41 -6.29 -7.36
N LEU A 393 -20.91 -6.36 -6.12
CA LEU A 393 -21.77 -6.08 -4.98
C LEU A 393 -22.26 -4.65 -5.00
N LEU A 394 -21.37 -3.69 -5.27
CA LEU A 394 -21.81 -2.31 -5.32
C LEU A 394 -22.80 -2.12 -6.46
N GLN A 395 -22.64 -2.86 -7.55
CA GLN A 395 -23.56 -2.76 -8.68
C GLN A 395 -24.95 -3.29 -8.35
N TYR A 396 -25.07 -4.25 -7.44
CA TYR A 396 -26.36 -4.92 -7.27
C TYR A 396 -26.91 -5.06 -5.86
N LEU A 397 -26.14 -4.78 -4.82
CA LEU A 397 -26.60 -5.04 -3.46
C LEU A 397 -26.37 -3.83 -2.57
N PRO A 398 -27.11 -3.73 -1.46
CA PRO A 398 -26.92 -2.61 -0.54
C PRO A 398 -25.53 -2.61 0.06
N ARG A 399 -25.01 -1.41 0.31
CA ARG A 399 -23.63 -1.29 0.77
C ARG A 399 -23.48 -1.70 2.23
N ARG A 400 -24.49 -1.40 3.05
CA ARG A 400 -24.39 -1.67 4.48
C ARG A 400 -24.19 -3.16 4.77
N TYR A 401 -25.09 -4.01 4.26
CA TYR A 401 -24.95 -5.44 4.47
C TYR A 401 -23.71 -6.00 3.77
N SER A 402 -23.42 -5.55 2.56
CA SER A 402 -22.24 -6.05 1.86
C SER A 402 -20.96 -5.81 2.66
N MET A 403 -20.74 -4.57 3.09
CA MET A 403 -19.53 -4.26 3.84
C MET A 403 -19.56 -4.92 5.22
N ALA A 404 -20.72 -4.98 5.86
CA ALA A 404 -20.79 -5.64 7.16
C ALA A 404 -20.36 -7.09 7.05
N THR A 405 -20.88 -7.80 6.04
CA THR A 405 -20.52 -9.20 5.86
C THR A 405 -19.05 -9.37 5.49
N ALA A 406 -18.52 -8.52 4.61
CA ALA A 406 -17.11 -8.60 4.25
C ALA A 406 -16.22 -8.40 5.47
N LEU A 407 -16.50 -7.37 6.26
CA LEU A 407 -15.69 -7.12 7.45
C LEU A 407 -15.85 -8.23 8.48
N PHE A 408 -17.06 -8.74 8.67
CA PHE A 408 -17.27 -9.84 9.60
C PHE A 408 -16.44 -11.04 9.21
N LEU A 409 -16.51 -11.44 7.93
CA LEU A 409 -15.72 -12.57 7.46
C LEU A 409 -14.24 -12.35 7.68
N GLY A 410 -13.74 -11.18 7.24
CA GLY A 410 -12.31 -10.91 7.38
C GLY A 410 -11.83 -10.94 8.82
N GLY A 411 -12.56 -10.26 9.71
CA GLY A 411 -12.16 -10.24 11.11
C GLY A 411 -12.27 -11.59 11.80
N SER A 412 -13.38 -12.30 11.56
CA SER A 412 -13.57 -13.59 12.21
C SER A 412 -12.55 -14.62 11.76
N VAL A 413 -12.23 -14.65 10.47
CA VAL A 413 -11.28 -15.65 9.98
C VAL A 413 -9.91 -15.47 10.63
N LEU A 414 -9.54 -14.24 10.98
CA LEU A 414 -8.23 -14.03 11.60
C LEU A 414 -8.18 -14.51 13.04
N LEU A 415 -9.30 -14.51 13.75
CA LEU A 415 -9.29 -14.94 15.15
C LEU A 415 -9.09 -16.44 15.30
N PHE A 416 -9.52 -17.23 14.31
CA PHE A 416 -9.36 -18.68 14.38
C PHE A 416 -7.91 -19.12 14.16
N MET A 417 -7.01 -18.21 13.79
CA MET A 417 -5.64 -18.59 13.48
C MET A 417 -4.98 -19.33 14.64
N GLN A 418 -5.15 -18.83 15.85
CA GLN A 418 -4.50 -19.47 17.01
C GLN A 418 -4.94 -20.91 17.22
N LEU A 419 -6.09 -21.32 16.70
CA LEU A 419 -6.59 -22.67 16.94
C LEU A 419 -6.01 -23.72 15.99
N VAL A 420 -5.29 -23.32 14.94
CA VAL A 420 -4.75 -24.31 14.01
C VAL A 420 -3.56 -25.03 14.64
N PRO A 421 -3.58 -26.35 14.78
CA PRO A 421 -2.44 -27.04 15.36
C PRO A 421 -1.33 -27.23 14.35
N PRO A 422 -0.11 -27.55 14.78
CA PRO A 422 1.00 -27.71 13.83
C PRO A 422 0.84 -28.85 12.83
N ASP A 423 0.02 -29.86 13.10
CA ASP A 423 -0.17 -30.94 12.12
C ASP A 423 -0.74 -30.40 10.81
N LEU A 424 -1.54 -29.33 10.88
CA LEU A 424 -2.13 -28.70 9.70
C LEU A 424 -1.76 -27.22 9.64
N TYR A 425 -0.46 -26.95 9.79
CA TYR A 425 0.03 -25.58 9.78
C TYR A 425 -0.44 -24.81 8.55
N TYR A 426 -0.58 -25.50 7.41
CA TYR A 426 -0.95 -24.83 6.17
C TYR A 426 -2.37 -24.28 6.21
N LEU A 427 -3.21 -24.74 7.12
CA LEU A 427 -4.54 -24.17 7.25
C LEU A 427 -4.50 -22.72 7.74
N ALA A 428 -3.41 -22.33 8.41
CA ALA A 428 -3.26 -20.93 8.84
C ALA A 428 -3.16 -19.99 7.66
N THR A 429 -2.43 -20.41 6.61
CA THR A 429 -2.23 -19.55 5.45
C THR A 429 -3.55 -19.24 4.73
N VAL A 430 -4.39 -20.26 4.53
CA VAL A 430 -5.66 -20.03 3.83
C VAL A 430 -6.52 -19.06 4.61
N LEU A 431 -6.50 -19.14 5.95
CA LEU A 431 -7.26 -18.19 6.75
C LEU A 431 -6.75 -16.77 6.55
N VAL A 432 -5.43 -16.59 6.52
CA VAL A 432 -4.88 -15.25 6.30
C VAL A 432 -5.28 -14.73 4.92
N MET A 433 -5.22 -15.59 3.90
CA MET A 433 -5.60 -15.17 2.56
C MET A 433 -7.08 -14.80 2.48
N VAL A 434 -7.94 -15.56 3.16
CA VAL A 434 -9.37 -15.21 3.18
C VAL A 434 -9.58 -13.87 3.87
N GLY A 435 -8.88 -13.64 4.98
CA GLY A 435 -8.97 -12.36 5.65
C GLY A 435 -8.51 -11.21 4.78
N LYS A 436 -7.42 -11.42 4.04
CA LYS A 436 -6.95 -10.40 3.10
C LYS A 436 -7.99 -10.13 2.03
N PHE A 437 -8.61 -11.19 1.50
CA PHE A 437 -9.67 -11.02 0.51
C PHE A 437 -10.80 -10.16 1.05
N GLY A 438 -11.30 -10.49 2.24
CA GLY A 438 -12.38 -9.72 2.83
C GLY A 438 -12.00 -8.28 3.10
N VAL A 439 -10.80 -8.05 3.63
CA VAL A 439 -10.36 -6.69 3.91
C VAL A 439 -10.23 -5.89 2.62
N THR A 440 -9.69 -6.51 1.56
CA THR A 440 -9.58 -5.81 0.28
C THR A 440 -10.96 -5.46 -0.26
N ALA A 441 -11.91 -6.39 -0.17
CA ALA A 441 -13.26 -6.10 -0.64
C ALA A 441 -13.86 -4.92 0.13
N ALA A 442 -13.76 -4.94 1.45
CA ALA A 442 -14.31 -3.86 2.26
C ALA A 442 -13.63 -2.54 1.94
N PHE A 443 -12.31 -2.56 1.76
CA PHE A 443 -11.58 -1.34 1.42
C PHE A 443 -12.04 -0.78 0.08
N SER A 444 -12.31 -1.65 -0.89
CA SER A 444 -12.81 -1.19 -2.18
C SER A 444 -14.22 -0.61 -2.09
N MET A 445 -15.08 -1.24 -1.28
CA MET A 445 -16.45 -0.74 -1.18
C MET A 445 -16.56 0.55 -0.37
N VAL A 446 -15.71 0.73 0.63
CA VAL A 446 -15.82 1.90 1.51
C VAL A 446 -15.69 3.21 0.75
N TYR A 447 -14.89 3.24 -0.31
CA TYR A 447 -14.76 4.49 -1.07
C TYR A 447 -16.11 4.93 -1.63
N VAL A 448 -16.79 4.02 -2.34
CA VAL A 448 -18.09 4.36 -2.92
C VAL A 448 -19.13 4.61 -1.84
N TYR A 449 -19.07 3.88 -0.74
CA TYR A 449 -20.05 4.09 0.32
C TYR A 449 -19.88 5.49 0.91
N THR A 450 -18.65 5.85 1.28
CA THR A 450 -18.42 7.16 1.87
C THR A 450 -18.77 8.27 0.88
N ALA A 451 -18.36 8.12 -0.39
CA ALA A 451 -18.67 9.13 -1.38
C ALA A 451 -20.17 9.31 -1.54
N GLU A 452 -20.97 8.24 -1.37
CA GLU A 452 -22.41 8.38 -1.46
C GLU A 452 -23.02 9.00 -0.20
N LEU A 453 -22.45 8.67 0.97
CA LEU A 453 -23.02 9.19 2.22
C LEU A 453 -22.92 10.70 2.32
N TYR A 454 -21.78 11.29 1.96
CA TYR A 454 -21.64 12.73 2.11
C TYR A 454 -22.41 13.50 1.04
N PRO A 455 -22.95 14.67 1.37
CA PRO A 455 -23.63 15.50 0.38
C PRO A 455 -22.62 16.18 -0.55
N THR A 456 -23.15 16.73 -1.64
CA THR A 456 -22.30 17.34 -2.65
C THR A 456 -21.48 18.51 -2.11
N VAL A 457 -22.09 19.33 -1.26
CA VAL A 457 -21.39 20.53 -0.77
C VAL A 457 -20.15 20.21 0.06
N VAL A 458 -20.06 19.02 0.65
CA VAL A 458 -18.89 18.67 1.46
C VAL A 458 -18.36 17.30 1.09
N ARG A 459 -18.75 16.79 -0.08
CA ARG A 459 -18.33 15.46 -0.49
C ARG A 459 -16.81 15.37 -0.59
N ASN A 460 -16.20 16.30 -1.32
CA ASN A 460 -14.76 16.26 -1.51
C ASN A 460 -14.00 16.38 -0.19
N MET A 461 -14.43 17.30 0.69
CA MET A 461 -13.73 17.46 1.96
C MET A 461 -13.85 16.22 2.82
N GLY A 462 -15.03 15.61 2.89
CA GLY A 462 -15.20 14.41 3.69
C GLY A 462 -14.40 13.24 3.16
N VAL A 463 -14.39 13.06 1.83
CA VAL A 463 -13.58 12.00 1.24
C VAL A 463 -12.09 12.26 1.49
N GLY A 464 -11.66 13.52 1.43
CA GLY A 464 -10.27 13.82 1.71
C GLY A 464 -9.89 13.53 3.15
N VAL A 465 -10.77 13.87 4.10
CA VAL A 465 -10.51 13.56 5.51
C VAL A 465 -10.42 12.05 5.71
N SER A 466 -11.35 11.30 5.11
CA SER A 466 -11.31 9.85 5.23
C SER A 466 -10.03 9.27 4.63
N SER A 467 -9.61 9.81 3.48
CA SER A 467 -8.37 9.35 2.86
C SER A 467 -7.17 9.64 3.77
N THR A 468 -7.15 10.81 4.40
CA THR A 468 -6.05 11.12 5.31
C THR A 468 -6.04 10.16 6.48
N ALA A 469 -7.21 9.83 7.01
CA ALA A 469 -7.28 8.83 8.07
C ALA A 469 -6.72 7.50 7.59
N SER A 470 -7.05 7.12 6.35
CA SER A 470 -6.51 5.88 5.79
C SER A 470 -4.99 5.93 5.68
N ARG A 471 -4.44 7.09 5.31
CA ARG A 471 -2.99 7.24 5.28
C ARG A 471 -2.38 7.07 6.67
N LEU A 472 -3.01 7.66 7.68
CA LEU A 472 -2.50 7.47 9.05
C LEU A 472 -2.55 6.00 9.44
N GLY A 473 -3.66 5.32 9.14
CA GLY A 473 -3.74 3.90 9.42
C GLY A 473 -2.64 3.11 8.73
N SER A 474 -2.36 3.44 7.47
CA SER A 474 -1.27 2.75 6.77
C SER A 474 0.05 3.01 7.45
N ILE A 475 0.27 4.26 7.91
CA ILE A 475 1.50 4.58 8.61
C ILE A 475 1.66 3.71 9.85
N LEU A 476 0.56 3.50 10.59
CA LEU A 476 0.60 2.68 11.79
C LEU A 476 0.75 1.19 11.49
N SER A 477 0.37 0.75 10.29
CA SER A 477 0.33 -0.69 9.99
C SER A 477 1.65 -1.43 10.21
N PRO A 478 2.81 -0.93 9.79
CA PRO A 478 4.05 -1.72 9.99
C PRO A 478 4.39 -2.01 11.45
N TYR A 479 3.91 -1.21 12.39
CA TYR A 479 4.20 -1.48 13.79
C TYR A 479 3.33 -2.58 14.39
N PHE A 480 2.21 -2.91 13.75
CA PHE A 480 1.43 -4.05 14.21
C PHE A 480 2.15 -5.37 13.93
N VAL A 481 2.81 -5.46 12.77
CA VAL A 481 3.57 -6.66 12.45
C VAL A 481 4.76 -6.81 13.38
N TYR A 482 5.37 -5.70 13.79
CA TYR A 482 6.50 -5.74 14.71
C TYR A 482 6.15 -6.42 16.02
N LEU A 483 4.88 -6.44 16.41
CA LEU A 483 4.50 -7.12 17.65
C LEU A 483 4.70 -8.63 17.57
N GLY A 484 4.91 -9.19 16.38
CA GLY A 484 5.13 -10.62 16.25
C GLY A 484 6.32 -11.13 17.04
N ALA A 485 7.30 -10.27 17.32
CA ALA A 485 8.43 -10.68 18.16
C ALA A 485 7.99 -10.96 19.58
N TYR A 486 7.09 -10.15 20.13
CA TYR A 486 6.66 -10.32 21.51
C TYR A 486 5.62 -11.42 21.66
N ASP A 487 4.83 -11.65 20.62
CA ASP A 487 3.85 -12.74 20.62
C ASP A 487 3.51 -13.06 19.18
N ARG A 488 3.48 -14.35 18.85
CA ARG A 488 3.28 -14.75 17.46
C ARG A 488 1.90 -14.35 16.94
N PHE A 489 0.86 -14.49 17.75
CA PHE A 489 -0.51 -14.28 17.29
C PHE A 489 -1.11 -12.95 17.71
N LEU A 490 -0.41 -12.14 18.50
CA LEU A 490 -0.99 -10.87 18.95
C LEU A 490 -1.43 -9.97 17.80
N PRO A 491 -0.65 -9.79 16.74
CA PRO A 491 -1.12 -8.92 15.64
C PRO A 491 -2.44 -9.38 15.05
N TYR A 492 -2.63 -10.69 14.87
CA TYR A 492 -3.89 -11.18 14.31
C TYR A 492 -5.04 -10.96 15.27
N ILE A 493 -4.82 -11.18 16.57
CA ILE A 493 -5.87 -10.94 17.56
C ILE A 493 -6.31 -9.48 17.51
N LEU A 494 -5.34 -8.56 17.52
CA LEU A 494 -5.66 -7.13 17.45
C LEU A 494 -6.42 -6.78 16.18
N MET A 495 -5.89 -7.20 15.02
CA MET A 495 -6.53 -6.85 13.76
C MET A 495 -7.93 -7.45 13.66
N GLY A 496 -8.11 -8.69 14.10
CA GLY A 496 -9.43 -9.29 14.05
C GLY A 496 -10.42 -8.61 14.97
N SER A 497 -10.00 -8.27 16.19
CA SER A 497 -10.90 -7.57 17.10
C SER A 497 -11.30 -6.21 16.54
N LEU A 498 -10.33 -5.46 16.01
CA LEU A 498 -10.66 -4.17 15.42
C LEU A 498 -11.56 -4.32 14.21
N THR A 499 -11.33 -5.34 13.37
CA THR A 499 -12.17 -5.54 12.20
C THR A 499 -13.60 -5.91 12.60
N ILE A 500 -13.77 -6.74 13.62
CA ILE A 500 -15.11 -7.07 14.10
C ILE A 500 -15.81 -5.83 14.64
N LEU A 501 -15.10 -5.04 15.46
CA LEU A 501 -15.70 -3.82 15.98
C LEU A 501 -16.10 -2.87 14.86
N THR A 502 -15.26 -2.76 13.83
CA THR A 502 -15.61 -1.94 12.68
C THR A 502 -16.81 -2.49 11.93
N ALA A 503 -16.91 -3.81 11.83
CA ALA A 503 -18.06 -4.42 11.17
C ALA A 503 -19.35 -4.09 11.91
N ILE A 504 -19.33 -4.15 13.25
CA ILE A 504 -20.52 -3.78 14.00
C ILE A 504 -20.84 -2.30 13.80
N LEU A 505 -19.80 -1.46 13.71
CA LEU A 505 -20.00 -0.03 13.50
C LEU A 505 -20.70 0.25 12.18
N THR A 506 -20.33 -0.48 11.13
CA THR A 506 -20.92 -0.25 9.81
C THR A 506 -22.44 -0.38 9.81
N LEU A 507 -22.99 -1.29 10.63
CA LEU A 507 -24.43 -1.47 10.67
C LEU A 507 -25.18 -0.25 11.19
N PHE A 508 -24.50 0.71 11.80
CA PHE A 508 -25.16 1.93 12.28
C PHE A 508 -25.18 3.05 11.26
N LEU A 509 -24.48 2.93 10.14
CA LEU A 509 -24.53 3.96 9.13
C LEU A 509 -25.85 3.92 8.36
N PRO A 510 -26.27 5.05 7.78
CA PRO A 510 -27.49 5.04 6.96
C PRO A 510 -27.24 4.35 5.63
N GLU A 511 -28.33 3.88 5.02
CA GLU A 511 -28.28 3.16 3.76
C GLU A 511 -28.59 4.10 2.61
N SER A 512 -27.65 4.24 1.67
CA SER A 512 -27.80 5.12 0.53
C SER A 512 -28.30 4.42 -0.72
N PHE A 513 -28.28 3.09 -0.75
CA PHE A 513 -28.75 2.37 -1.93
C PHE A 513 -30.22 2.62 -2.17
N GLY A 514 -30.55 2.97 -3.42
CA GLY A 514 -31.92 3.24 -3.81
C GLY A 514 -32.43 4.62 -3.47
N THR A 515 -31.60 5.46 -2.84
CA THR A 515 -32.01 6.79 -2.43
C THR A 515 -31.18 7.83 -3.18
N PRO A 516 -31.79 8.88 -3.72
CA PRO A 516 -31.02 9.87 -4.47
C PRO A 516 -30.00 10.55 -3.58
N LEU A 517 -28.86 10.89 -4.18
CA LEU A 517 -27.79 11.51 -3.40
C LEU A 517 -28.18 12.94 -3.02
N PRO A 518 -27.96 13.35 -1.77
CA PRO A 518 -28.36 14.68 -1.35
C PRO A 518 -27.39 15.75 -1.85
N ASP A 519 -27.87 17.00 -1.79
CA ASP A 519 -27.07 18.14 -2.23
C ASP A 519 -26.68 19.08 -1.11
N THR A 520 -27.40 19.06 0.01
CA THR A 520 -27.10 19.92 1.15
C THR A 520 -27.14 19.09 2.43
N ILE A 521 -26.54 19.64 3.49
CA ILE A 521 -26.46 18.91 4.76
C ILE A 521 -27.85 18.60 5.31
N ASP A 522 -28.84 19.47 5.06
CA ASP A 522 -30.18 19.19 5.56
C ASP A 522 -30.81 18.00 4.86
N GLN A 523 -30.37 17.66 3.65
CA GLN A 523 -30.86 16.50 2.93
C GLN A 523 -30.07 15.24 3.25
N MET A 524 -29.01 15.35 4.04
CA MET A 524 -28.19 14.20 4.38
C MET A 524 -28.98 13.20 5.19
N LEU A 525 -28.78 11.92 4.90
CA LEU A 525 -29.47 10.87 5.63
C LEU A 525 -29.01 10.88 7.08
N ARG A 526 -29.90 10.43 7.97
CA ARG A 526 -29.65 10.48 9.40
C ARG A 526 -29.13 9.15 9.91
N VAL A 527 -28.11 9.20 10.77
CA VAL A 527 -27.53 7.98 11.33
C VAL A 527 -28.58 7.25 12.15
N LYS A 528 -28.41 5.93 12.25
CA LYS A 528 -29.36 5.10 12.98
C LYS A 528 -29.36 5.46 14.47
NA NA B . 2.65 5.24 -11.98
#